data_8J9K
#
_entry.id   8J9K
#
loop_
_entity.id
_entity.type
_entity.pdbx_description
1 polymer Beta-arrestin-2
2 polymer 'Fab6 light chain'
3 polymer 'Fab6 heavy chain'
#
loop_
_entity_poly.entity_id
_entity_poly.type
_entity_poly.pdbx_seq_one_letter_code
_entity_poly.pdbx_strand_id
1 'polypeptide(L)'
;GTRVFKKSSPNCKLTVYLGKRDFVDHLDKVDPVDGVVLVDPDYLKDRKVFVTLTCAFRYGREDLDVLGLSFRKDLFIATY
QAFPPMPNPPRPPTRLQDRLLKKLGQHAHPFFFTIPQNLPCSVTLQPGPEDTGKACGVDFEIRAFCAKSIEEKSHKRNSV
RLIIRKVQFAPETPGPQPSAETTRHFLMSDRRSLHLEASLDKELYYHGEPLNVNVHVTNNSAKTVKKIRVSVRQYADICL
FSTAQYKCPVAQLEQDDQVSPSSTFCKVYTITPLLSDNREKRGLALDGQLKHEDTNLASSTIVKEGANKEVLGILVSYRV
KVKLVVSRGGDVSVELPFVLMHPKPHDHITLPRPQSAPREIDIPVDTNLIEFDTNYATDDDIVFEDFARLRLK
;
C
2 'polypeptide(L)'
;DIQMTQSPSSLSASVGDRVTITCRASQSVSSAVAWYQQKPGKAPKLLIYSASSLYSGVPSRFSGSRSGTDFTLTISSLQP
EDFATYYCQQSKYDGLITFGQGTKVA
;
B
3 'polypeptide(L)'
;SEVQLVESGGGLVQPGGSLRLSCAASGFNFSSSYIHWVRQAPGKGLEWVASISSYYGYTSYADSVKGRFTISADTSKNTA
YLQMNSLRAEDTAVYYCARQGYYYNSYMQGALDYWGQGTLVTVSS
;
D
#
# COMPACT_ATOMS: atom_id res chain seq x y z
N GLY A 1 17.37 -2.06 -6.21
CA GLY A 1 16.96 -0.77 -5.69
C GLY A 1 16.01 -0.87 -4.51
N THR A 2 14.71 -0.89 -4.80
CA THR A 2 13.69 -0.98 -3.77
C THR A 2 13.42 -2.44 -3.41
N ARG A 3 13.10 -2.62 -2.14
CA ARG A 3 12.89 -3.99 -1.62
C ARG A 3 11.49 -4.49 -1.94
N VAL A 4 11.35 -5.78 -2.15
CA VAL A 4 10.06 -6.42 -2.37
C VAL A 4 10.05 -7.74 -1.62
N PHE A 5 8.96 -8.00 -0.92
CA PHE A 5 8.83 -9.19 -0.09
C PHE A 5 7.95 -10.21 -0.81
N LYS A 6 8.44 -11.45 -0.88
CA LYS A 6 7.70 -12.52 -1.52
C LYS A 6 7.72 -13.76 -0.64
N LYS A 7 6.64 -14.52 -0.70
CA LYS A 7 6.56 -15.81 -0.03
C LYS A 7 5.94 -16.82 -0.98
N SER A 8 6.52 -18.01 -1.04
CA SER A 8 6.08 -19.04 -1.96
C SER A 8 5.36 -20.15 -1.19
N SER A 9 4.25 -20.60 -1.75
CA SER A 9 3.57 -21.77 -1.19
C SER A 9 4.47 -22.99 -1.36
N PRO A 10 4.38 -23.96 -0.44
CA PRO A 10 5.17 -25.19 -0.60
C PRO A 10 5.01 -25.81 -1.99
N ASN A 11 3.78 -25.83 -2.52
CA ASN A 11 3.58 -26.05 -3.94
C ASN A 11 3.90 -24.73 -4.65
N CYS A 12 5.11 -24.63 -5.18
CA CYS A 12 5.63 -23.37 -5.71
C CYS A 12 4.85 -22.87 -6.92
N LYS A 13 3.77 -23.57 -7.28
CA LYS A 13 2.96 -23.17 -8.42
C LYS A 13 2.27 -21.83 -8.20
N LEU A 14 2.21 -21.33 -6.98
CA LEU A 14 1.58 -20.05 -6.68
C LEU A 14 2.47 -19.29 -5.71
N THR A 15 2.55 -17.96 -5.90
CA THR A 15 3.39 -17.14 -5.05
C THR A 15 2.77 -15.75 -4.93
N VAL A 16 3.23 -15.01 -3.91
CA VAL A 16 2.70 -13.71 -3.56
C VAL A 16 3.86 -12.73 -3.39
N TYR A 17 3.66 -11.51 -3.87
CA TYR A 17 4.64 -10.44 -3.74
C TYR A 17 3.98 -9.26 -3.03
N LEU A 18 4.72 -8.63 -2.12
CA LEU A 18 4.20 -7.49 -1.37
C LEU A 18 5.26 -6.40 -1.29
N GLY A 19 4.79 -5.18 -1.05
CA GLY A 19 5.68 -4.04 -0.94
C GLY A 19 6.19 -3.78 0.46
N LYS A 20 5.41 -4.17 1.46
CA LYS A 20 5.80 -3.97 2.85
C LYS A 20 5.02 -4.93 3.72
N ARG A 21 5.71 -5.55 4.68
CA ARG A 21 5.06 -6.52 5.55
C ARG A 21 4.23 -5.87 6.64
N ASP A 22 4.59 -4.65 7.05
CA ASP A 22 3.89 -3.95 8.13
C ASP A 22 3.16 -2.74 7.57
N PHE A 23 1.91 -2.58 7.96
CA PHE A 23 1.06 -1.50 7.48
C PHE A 23 0.73 -0.56 8.63
N VAL A 24 0.84 0.74 8.38
CA VAL A 24 0.66 1.77 9.40
C VAL A 24 -0.77 2.30 9.33
N ASP A 25 -1.38 2.48 10.50
CA ASP A 25 -2.70 3.08 10.60
C ASP A 25 -2.55 4.50 11.12
N HIS A 26 -3.14 5.47 10.41
CA HIS A 26 -3.05 6.87 10.77
C HIS A 26 -4.27 7.36 11.52
N LEU A 27 -5.02 6.46 12.16
CA LEU A 27 -6.16 6.77 13.00
C LEU A 27 -7.34 7.26 12.17
N ASP A 28 -7.12 7.51 10.89
CA ASP A 28 -8.21 7.84 9.97
C ASP A 28 -8.06 7.20 8.60
N LYS A 29 -7.00 6.42 8.36
CA LYS A 29 -6.79 5.77 7.08
C LYS A 29 -5.68 4.74 7.24
N VAL A 30 -5.78 3.65 6.49
CA VAL A 30 -4.79 2.58 6.50
C VAL A 30 -4.26 2.43 5.07
N ASP A 31 -2.94 2.40 4.94
CA ASP A 31 -2.35 2.22 3.63
C ASP A 31 -2.77 0.87 3.05
N PRO A 32 -3.12 0.80 1.78
CA PRO A 32 -3.72 -0.41 1.23
C PRO A 32 -2.70 -1.51 0.99
N VAL A 33 -3.21 -2.73 0.84
CA VAL A 33 -2.39 -3.86 0.45
C VAL A 33 -2.20 -3.81 -1.07
N ASP A 34 -0.94 -3.80 -1.50
CA ASP A 34 -0.58 -3.55 -2.88
C ASP A 34 0.16 -4.74 -3.49
N GLY A 35 -0.36 -5.95 -3.28
CA GLY A 35 0.33 -7.15 -3.69
C GLY A 35 0.04 -7.55 -5.12
N VAL A 36 0.69 -8.64 -5.52
CA VAL A 36 0.45 -9.28 -6.81
C VAL A 36 0.75 -10.76 -6.65
N VAL A 37 -0.10 -11.60 -7.23
CA VAL A 37 -0.02 -13.04 -7.09
C VAL A 37 0.30 -13.64 -8.45
N LEU A 38 1.30 -14.53 -8.48
CA LEU A 38 1.80 -15.11 -9.72
C LEU A 38 1.60 -16.62 -9.70
N VAL A 39 1.10 -17.16 -10.80
CA VAL A 39 0.95 -18.60 -10.98
C VAL A 39 1.43 -18.95 -12.40
N ASP A 40 2.52 -19.70 -12.49
CA ASP A 40 3.10 -19.98 -13.80
C ASP A 40 2.21 -20.83 -14.71
N PRO A 41 1.56 -21.91 -14.29
CA PRO A 41 0.79 -22.72 -15.25
C PRO A 41 -0.67 -22.34 -15.35
N ASP A 42 -1.12 -21.32 -14.62
CA ASP A 42 -2.52 -21.00 -14.36
C ASP A 42 -3.23 -22.13 -13.62
N TYR A 43 -2.49 -23.16 -13.22
CA TYR A 43 -2.99 -24.31 -12.49
C TYR A 43 -4.25 -24.89 -13.16
N LEU A 44 -4.03 -25.42 -14.36
CA LEU A 44 -5.01 -26.15 -15.18
C LEU A 44 -6.09 -25.23 -15.76
N LYS A 45 -6.06 -23.93 -15.45
CA LYS A 45 -6.88 -22.90 -16.08
C LYS A 45 -8.37 -22.98 -15.73
N ASP A 46 -8.80 -23.97 -14.96
CA ASP A 46 -10.19 -24.06 -14.53
C ASP A 46 -10.37 -23.61 -13.08
N ARG A 47 -9.42 -22.79 -12.64
CA ARG A 47 -9.45 -22.36 -11.23
C ARG A 47 -9.25 -20.86 -11.16
N LYS A 48 -9.80 -20.25 -10.12
CA LYS A 48 -9.68 -18.81 -9.92
C LYS A 48 -8.78 -18.56 -8.72
N VAL A 49 -7.81 -17.67 -8.88
CA VAL A 49 -6.78 -17.45 -7.86
C VAL A 49 -7.33 -16.41 -6.91
N PHE A 50 -8.11 -16.87 -5.95
CA PHE A 50 -8.58 -16.01 -4.88
C PHE A 50 -7.43 -15.67 -3.94
N VAL A 51 -7.46 -14.44 -3.42
CA VAL A 51 -6.54 -14.01 -2.38
C VAL A 51 -7.36 -13.35 -1.28
N THR A 52 -7.50 -14.05 -0.15
CA THR A 52 -8.39 -13.63 0.91
C THR A 52 -7.61 -13.03 2.07
N LEU A 53 -8.13 -11.92 2.60
CA LEU A 53 -7.58 -11.28 3.79
C LEU A 53 -8.56 -11.46 4.93
N THR A 54 -8.06 -11.90 6.08
CA THR A 54 -8.90 -12.11 7.27
C THR A 54 -8.23 -11.46 8.47
N CYS A 55 -9.04 -10.84 9.32
CA CYS A 55 -8.59 -10.27 10.59
C CYS A 55 -9.43 -10.92 11.69
N ALA A 56 -8.82 -11.84 12.42
CA ALA A 56 -9.56 -12.69 13.35
C ALA A 56 -8.97 -12.63 14.74
N PHE A 57 -9.84 -12.58 15.74
CA PHE A 57 -9.42 -12.69 17.12
C PHE A 57 -9.07 -14.13 17.45
N ARG A 58 -8.14 -14.30 18.38
CA ARG A 58 -7.65 -15.61 18.76
C ARG A 58 -7.76 -15.77 20.27
N TYR A 59 -7.86 -17.02 20.71
CA TYR A 59 -7.81 -17.31 22.14
C TYR A 59 -7.59 -18.81 22.27
N GLY A 60 -6.85 -19.20 23.30
CA GLY A 60 -6.65 -20.59 23.64
C GLY A 60 -5.44 -21.28 23.04
N ARG A 61 -5.52 -21.69 21.78
CA ARG A 61 -4.50 -22.56 21.20
C ARG A 61 -4.04 -22.04 19.86
N GLU A 62 -2.77 -22.32 19.53
CA GLU A 62 -2.26 -22.22 18.17
C GLU A 62 -2.04 -23.59 17.56
N ASP A 63 -2.49 -24.64 18.24
CA ASP A 63 -2.24 -26.03 17.87
C ASP A 63 -3.25 -26.56 16.86
N LEU A 64 -4.25 -25.76 16.49
CA LEU A 64 -5.33 -26.04 15.53
C LEU A 64 -6.41 -26.92 16.16
N ASP A 65 -6.31 -27.25 17.45
CA ASP A 65 -7.34 -28.05 18.10
C ASP A 65 -8.55 -27.18 18.42
N VAL A 66 -9.51 -27.73 19.18
CA VAL A 66 -10.79 -27.08 19.38
C VAL A 66 -10.94 -26.42 20.75
N LEU A 67 -10.25 -26.91 21.77
CA LEU A 67 -10.45 -26.45 23.14
C LEU A 67 -10.02 -25.00 23.26
N GLY A 68 -10.97 -24.08 23.29
CA GLY A 68 -10.71 -22.66 23.39
C GLY A 68 -10.47 -21.97 22.06
N LEU A 69 -9.71 -22.62 21.17
CA LEU A 69 -9.42 -22.05 19.86
C LEU A 69 -10.67 -21.92 18.99
N SER A 70 -11.78 -22.56 19.39
CA SER A 70 -13.06 -22.37 18.70
C SER A 70 -13.42 -20.89 18.56
N PHE A 71 -12.76 -20.01 19.31
CA PHE A 71 -13.04 -18.59 19.29
C PHE A 71 -12.34 -17.85 18.16
N ARG A 72 -11.95 -18.56 17.11
CA ARG A 72 -11.45 -17.92 15.90
C ARG A 72 -12.59 -17.08 15.35
N LYS A 73 -12.48 -15.76 15.48
CA LYS A 73 -13.59 -14.85 15.25
C LYS A 73 -13.17 -13.82 14.19
N ASP A 74 -13.51 -14.11 12.94
CA ASP A 74 -13.15 -13.23 11.83
C ASP A 74 -13.88 -11.90 11.98
N LEU A 75 -13.16 -10.87 12.40
CA LEU A 75 -13.74 -9.55 12.53
C LEU A 75 -13.84 -8.82 11.19
N PHE A 76 -13.14 -9.30 10.17
CA PHE A 76 -13.17 -8.70 8.84
C PHE A 76 -12.69 -9.74 7.84
N ILE A 77 -13.25 -9.69 6.64
CA ILE A 77 -12.88 -10.64 5.60
C ILE A 77 -13.24 -10.04 4.24
N ALA A 78 -12.32 -10.20 3.28
CA ALA A 78 -12.54 -9.77 1.92
C ALA A 78 -12.02 -10.85 0.98
N THR A 79 -12.56 -10.87 -0.23
CA THR A 79 -12.33 -11.96 -1.17
C THR A 79 -12.02 -11.40 -2.56
N TYR A 80 -10.98 -10.59 -2.66
CA TYR A 80 -10.54 -10.13 -3.97
C TYR A 80 -10.10 -11.33 -4.80
N GLN A 81 -10.51 -11.34 -6.07
CA GLN A 81 -10.11 -12.38 -7.01
C GLN A 81 -9.30 -11.77 -8.14
N ALA A 82 -8.39 -12.57 -8.69
CA ALA A 82 -7.40 -12.06 -9.63
C ALA A 82 -7.58 -12.57 -11.06
N PHE A 83 -7.84 -13.86 -11.25
CA PHE A 83 -7.97 -14.43 -12.59
C PHE A 83 -9.19 -15.33 -12.65
N PRO A 84 -10.26 -14.94 -13.34
CA PRO A 84 -10.48 -13.71 -14.13
C PRO A 84 -10.38 -12.44 -13.30
N PRO A 85 -10.14 -11.29 -13.94
CA PRO A 85 -9.79 -10.09 -13.18
C PRO A 85 -10.96 -9.26 -12.70
N MET A 86 -12.21 -9.63 -13.04
CA MET A 86 -13.43 -8.92 -12.67
C MET A 86 -13.51 -7.62 -13.46
N PRO A 87 -14.69 -6.99 -13.56
CA PRO A 87 -14.80 -5.76 -14.35
C PRO A 87 -14.24 -4.55 -13.62
N ASN A 88 -13.10 -4.05 -14.10
CA ASN A 88 -12.42 -2.87 -13.60
C ASN A 88 -11.86 -3.09 -12.20
N PRO A 89 -10.72 -2.48 -11.86
CA PRO A 89 -10.16 -2.65 -10.54
C PRO A 89 -10.59 -1.52 -9.61
N PRO A 90 -10.43 -1.70 -8.30
CA PRO A 90 -10.63 -0.59 -7.35
C PRO A 90 -9.39 0.30 -7.23
N ARG A 91 -9.32 1.29 -8.15
CA ARG A 91 -8.23 2.25 -8.34
C ARG A 91 -7.15 1.60 -9.20
N PRO A 92 -6.39 2.38 -9.97
CA PRO A 92 -5.41 1.78 -10.89
C PRO A 92 -4.28 1.14 -10.13
N PRO A 93 -3.62 0.14 -10.71
CA PRO A 93 -2.48 -0.48 -10.04
C PRO A 93 -1.39 0.53 -9.73
N THR A 94 -0.84 0.44 -8.53
CA THR A 94 0.21 1.37 -8.14
C THR A 94 1.49 1.07 -8.91
N ARG A 95 2.40 2.05 -8.90
CA ARG A 95 3.64 1.92 -9.65
C ARG A 95 4.44 0.71 -9.20
N LEU A 96 4.39 0.38 -7.91
CA LEU A 96 5.08 -0.80 -7.41
C LEU A 96 4.52 -2.07 -8.04
N GLN A 97 3.19 -2.18 -8.09
CA GLN A 97 2.59 -3.34 -8.76
C GLN A 97 2.92 -3.37 -10.24
N ASP A 98 2.99 -2.21 -10.88
CA ASP A 98 3.38 -2.20 -12.29
C ASP A 98 4.78 -2.74 -12.49
N ARG A 99 5.74 -2.23 -11.73
CA ARG A 99 7.10 -2.73 -11.87
C ARG A 99 7.19 -4.21 -11.53
N LEU A 100 6.37 -4.68 -10.59
CA LEU A 100 6.32 -6.11 -10.33
C LEU A 100 5.81 -6.88 -11.54
N LEU A 101 4.79 -6.35 -12.22
CA LEU A 101 4.25 -6.99 -13.41
C LEU A 101 5.19 -6.87 -14.60
N LYS A 102 6.12 -5.92 -14.55
CA LYS A 102 7.15 -5.82 -15.58
C LYS A 102 8.23 -6.87 -15.36
N LYS A 103 8.75 -6.95 -14.13
CA LYS A 103 9.77 -7.92 -13.79
C LYS A 103 9.27 -9.35 -13.92
N LEU A 104 7.95 -9.56 -13.88
CA LEU A 104 7.35 -10.87 -14.06
C LEU A 104 6.61 -10.92 -15.39
N GLY A 105 6.21 -12.13 -15.77
CA GLY A 105 5.54 -12.33 -17.03
C GLY A 105 4.08 -11.93 -16.98
N GLN A 106 3.35 -12.37 -18.01
CA GLN A 106 1.92 -12.13 -18.07
C GLN A 106 1.13 -12.95 -17.05
N HIS A 107 1.77 -13.92 -16.40
CA HIS A 107 1.08 -14.82 -15.48
C HIS A 107 1.00 -14.26 -14.07
N ALA A 108 1.10 -12.94 -13.91
CA ALA A 108 1.01 -12.29 -12.60
C ALA A 108 -0.18 -11.35 -12.60
N HIS A 109 -1.01 -11.44 -11.56
CA HIS A 109 -2.26 -10.71 -11.49
C HIS A 109 -2.33 -9.91 -10.20
N PRO A 110 -2.58 -8.60 -10.27
CA PRO A 110 -2.60 -7.79 -9.05
C PRO A 110 -3.81 -8.08 -8.19
N PHE A 111 -3.75 -7.60 -6.95
CA PHE A 111 -4.88 -7.66 -6.03
C PHE A 111 -4.76 -6.53 -5.03
N PHE A 112 -5.89 -5.90 -4.72
CA PHE A 112 -5.94 -4.68 -3.93
C PHE A 112 -6.88 -4.85 -2.76
N PHE A 113 -6.51 -4.31 -1.61
CA PHE A 113 -7.34 -4.37 -0.41
C PHE A 113 -7.34 -3.02 0.29
N THR A 114 -8.41 -2.79 1.05
CA THR A 114 -8.48 -1.63 1.95
C THR A 114 -9.11 -2.08 3.25
N ILE A 115 -8.54 -1.62 4.36
CA ILE A 115 -8.95 -2.05 5.70
C ILE A 115 -9.61 -0.87 6.40
N PRO A 116 -10.86 -0.97 6.82
CA PRO A 116 -11.48 0.11 7.60
C PRO A 116 -10.73 0.36 8.90
N GLN A 117 -10.63 1.63 9.30
CA GLN A 117 -9.80 2.02 10.41
C GLN A 117 -10.35 1.60 11.77
N ASN A 118 -11.57 1.08 11.81
CA ASN A 118 -12.17 0.65 13.07
C ASN A 118 -11.53 -0.62 13.61
N LEU A 119 -10.82 -1.37 12.77
CA LEU A 119 -10.30 -2.69 13.13
C LEU A 119 -9.14 -2.57 14.11
N PRO A 120 -8.93 -3.60 14.93
CA PRO A 120 -7.89 -3.52 15.96
C PRO A 120 -6.49 -3.57 15.38
N CYS A 121 -5.55 -3.00 16.11
CA CYS A 121 -4.15 -3.12 15.75
C CYS A 121 -3.64 -4.51 16.07
N SER A 122 -2.72 -5.01 15.25
CA SER A 122 -2.22 -6.37 15.39
C SER A 122 -1.40 -6.47 16.67
N VAL A 123 -1.98 -7.11 17.69
CA VAL A 123 -1.31 -7.30 18.98
C VAL A 123 -1.58 -8.72 19.45
N THR A 124 -0.62 -9.30 20.15
CA THR A 124 -0.74 -10.63 20.72
C THR A 124 -0.11 -10.66 22.10
N LEU A 125 -0.60 -11.56 22.93
CA LEU A 125 -0.16 -11.67 24.32
C LEU A 125 0.19 -13.13 24.64
N GLN A 126 1.21 -13.30 25.48
CA GLN A 126 1.64 -14.62 25.92
C GLN A 126 1.73 -14.61 27.44
N PRO A 127 0.92 -15.52 28.01
CA PRO A 127 0.93 -15.50 29.47
C PRO A 127 2.26 -15.98 30.04
N GLY A 128 2.52 -15.59 31.28
CA GLY A 128 3.72 -16.00 31.97
C GLY A 128 3.72 -17.49 32.23
N PRO A 129 4.91 -18.08 32.44
CA PRO A 129 4.99 -19.53 32.57
C PRO A 129 4.88 -20.01 34.01
N GLU A 130 3.79 -20.71 34.34
CA GLU A 130 2.64 -20.92 33.47
C GLU A 130 1.42 -20.30 34.13
N ASP A 131 1.13 -19.04 33.78
CA ASP A 131 0.18 -18.24 34.54
C ASP A 131 -1.26 -18.51 34.13
N THR A 132 -1.58 -19.74 34.01
CA THR A 132 -2.98 -20.16 34.00
C THR A 132 -3.76 -19.63 32.80
N GLY A 133 -3.09 -19.03 31.81
CA GLY A 133 -3.75 -18.39 30.71
C GLY A 133 -3.56 -19.14 29.40
N LYS A 134 -3.84 -18.44 28.30
CA LYS A 134 -3.74 -19.02 26.98
C LYS A 134 -3.26 -17.95 26.00
N ALA A 135 -2.69 -18.40 24.90
CA ALA A 135 -2.21 -17.47 23.88
C ALA A 135 -3.40 -16.88 23.12
N CYS A 136 -3.28 -15.61 22.77
CA CYS A 136 -4.35 -14.91 22.06
C CYS A 136 -3.76 -13.71 21.32
N GLY A 137 -4.49 -13.25 20.32
CA GLY A 137 -4.04 -12.12 19.54
C GLY A 137 -5.00 -11.83 18.43
N VAL A 138 -4.66 -10.79 17.65
CA VAL A 138 -5.47 -10.34 16.52
C VAL A 138 -4.54 -10.26 15.32
N ASP A 139 -4.48 -11.34 14.55
CA ASP A 139 -3.55 -11.44 13.42
C ASP A 139 -4.27 -11.18 12.11
N PHE A 140 -3.54 -10.60 11.16
CA PHE A 140 -4.03 -10.35 9.81
C PHE A 140 -3.35 -11.34 8.87
N GLU A 141 -4.15 -12.10 8.12
CA GLU A 141 -3.62 -13.21 7.33
C GLU A 141 -4.03 -13.05 5.88
N ILE A 142 -3.07 -13.20 4.97
CA ILE A 142 -3.32 -13.25 3.54
C ILE A 142 -3.23 -14.69 3.09
N ARG A 143 -4.28 -15.18 2.44
CA ARG A 143 -4.32 -16.55 1.93
C ARG A 143 -4.60 -16.49 0.44
N ALA A 144 -3.56 -16.55 -0.37
CA ALA A 144 -3.70 -16.61 -1.82
C ALA A 144 -3.76 -18.06 -2.24
N PHE A 145 -4.92 -18.49 -2.70
CA PHE A 145 -5.11 -19.87 -3.10
C PHE A 145 -5.90 -19.93 -4.39
N CYS A 146 -5.62 -20.95 -5.19
CA CYS A 146 -6.27 -21.14 -6.48
C CYS A 146 -7.35 -22.21 -6.34
N ALA A 147 -8.58 -21.85 -6.72
CA ALA A 147 -9.70 -22.76 -6.59
C ALA A 147 -10.78 -22.35 -7.58
N LYS A 148 -11.73 -23.25 -7.78
CA LYS A 148 -12.84 -22.96 -8.68
C LYS A 148 -13.87 -22.02 -8.06
N SER A 149 -13.90 -21.91 -6.73
CA SER A 149 -14.86 -21.04 -6.07
C SER A 149 -14.33 -20.66 -4.69
N ILE A 150 -15.02 -19.70 -4.06
CA ILE A 150 -14.59 -19.17 -2.77
C ILE A 150 -14.64 -20.23 -1.68
N GLU A 151 -15.72 -21.01 -1.63
CA GLU A 151 -15.96 -21.95 -0.55
C GLU A 151 -15.32 -23.31 -0.77
N GLU A 152 -14.51 -23.45 -1.83
CA GLU A 152 -13.79 -24.68 -2.06
C GLU A 152 -12.89 -25.00 -0.87
N LYS A 153 -12.50 -26.27 -0.76
CA LYS A 153 -11.72 -26.75 0.37
C LYS A 153 -10.29 -26.21 0.29
N SER A 154 -10.06 -25.07 0.92
CA SER A 154 -8.71 -24.50 0.97
C SER A 154 -7.80 -25.37 1.84
N HIS A 155 -6.58 -25.59 1.37
CA HIS A 155 -5.62 -26.41 2.10
C HIS A 155 -4.23 -25.78 1.99
N LYS A 156 -3.41 -26.09 3.00
CA LYS A 156 -2.11 -25.42 3.12
C LYS A 156 -1.19 -25.76 1.94
N ARG A 157 -1.18 -27.02 1.50
CA ARG A 157 -0.22 -27.46 0.51
C ARG A 157 -0.19 -26.55 -0.71
N ASN A 158 -1.37 -26.14 -1.19
CA ASN A 158 -1.48 -25.33 -2.39
C ASN A 158 -1.90 -23.89 -2.10
N SER A 159 -1.95 -23.48 -0.83
CA SER A 159 -2.34 -22.14 -0.46
C SER A 159 -1.25 -21.51 0.37
N VAL A 160 -0.79 -20.33 -0.05
CA VAL A 160 0.22 -19.59 0.68
C VAL A 160 -0.47 -18.72 1.72
N ARG A 161 0.02 -18.76 2.95
CA ARG A 161 -0.51 -17.95 4.03
C ARG A 161 0.60 -17.14 4.65
N LEU A 162 0.39 -15.82 4.74
CA LEU A 162 1.37 -14.93 5.34
C LEU A 162 0.65 -13.92 6.22
N ILE A 163 1.37 -13.42 7.22
CA ILE A 163 0.79 -12.59 8.28
C ILE A 163 1.25 -11.16 8.13
N ILE A 164 0.31 -10.23 8.24
CA ILE A 164 0.57 -8.80 8.18
C ILE A 164 0.32 -8.19 9.54
N ARG A 165 1.07 -7.12 9.85
CA ARG A 165 0.94 -6.40 11.11
C ARG A 165 0.34 -5.02 10.86
N LYS A 166 -0.76 -4.72 11.54
CA LYS A 166 -1.42 -3.42 11.41
C LYS A 166 -1.06 -2.58 12.63
N VAL A 167 0.06 -1.86 12.51
CA VAL A 167 0.49 -0.97 13.59
C VAL A 167 -0.28 0.36 13.51
N GLN A 168 -0.32 1.06 14.63
CA GLN A 168 -1.05 2.32 14.74
C GLN A 168 -0.09 3.48 14.97
N PHE A 169 -0.42 4.64 14.40
CA PHE A 169 0.35 5.85 14.61
C PHE A 169 -0.60 7.03 14.76
N ALA A 170 -0.24 7.96 15.64
CA ALA A 170 -0.98 9.18 15.86
C ALA A 170 -0.01 10.34 16.00
N PRO A 171 -0.45 11.56 15.68
CA PRO A 171 0.47 12.70 15.74
C PRO A 171 0.86 13.04 17.17
N GLU A 172 2.03 13.66 17.31
CA GLU A 172 2.57 14.05 18.62
C GLU A 172 1.88 15.33 19.06
N THR A 173 0.63 15.19 19.49
CA THR A 173 -0.17 16.34 19.85
C THR A 173 0.40 17.03 21.08
N PRO A 174 0.62 18.35 21.04
CA PRO A 174 1.16 19.04 22.22
C PRO A 174 0.15 19.17 23.35
N GLY A 175 -0.26 18.05 23.93
CA GLY A 175 -1.24 18.06 24.99
C GLY A 175 -0.68 18.57 26.30
N PRO A 176 -1.55 18.87 27.25
CA PRO A 176 -1.08 19.33 28.56
C PRO A 176 -0.28 18.26 29.27
N GLN A 177 0.66 18.70 30.11
CA GLN A 177 1.51 17.78 30.84
C GLN A 177 0.67 16.86 31.70
N PRO A 178 0.82 15.54 31.59
CA PRO A 178 -0.01 14.63 32.39
C PRO A 178 0.38 14.63 33.86
N SER A 179 0.03 15.70 34.57
CA SER A 179 0.39 15.84 35.97
C SER A 179 -0.18 14.70 36.81
N ALA A 180 0.44 14.44 37.96
CA ALA A 180 -0.11 13.47 38.91
C ALA A 180 0.39 13.74 40.33
N GLU A 181 -0.40 14.44 41.14
CA GLU A 181 0.00 14.80 42.48
C GLU A 181 -0.77 14.01 43.52
N THR A 182 -0.16 13.88 44.71
CA THR A 182 -0.82 13.24 45.84
C THR A 182 -0.25 13.82 47.13
N THR A 183 -1.08 13.85 48.16
CA THR A 183 -0.69 14.31 49.49
C THR A 183 -1.13 13.26 50.49
N ARG A 184 -0.17 12.74 51.26
CA ARG A 184 -0.42 11.71 52.24
C ARG A 184 -0.32 12.28 53.64
N HIS A 185 -1.41 12.20 54.39
CA HIS A 185 -1.42 12.55 55.79
C HIS A 185 -1.27 11.28 56.63
N PHE A 186 -0.62 11.41 57.78
CA PHE A 186 -0.36 10.28 58.65
C PHE A 186 -1.18 10.38 59.94
N LEU A 187 -1.49 9.21 60.50
CA LEU A 187 -2.24 9.17 61.75
C LEU A 187 -1.48 9.86 62.88
N MET A 188 -0.15 9.74 62.88
CA MET A 188 0.69 10.29 63.92
C MET A 188 1.42 11.57 63.49
N SER A 189 1.00 12.18 62.39
CA SER A 189 1.74 13.31 61.83
C SER A 189 1.37 14.63 62.46
N ASP A 190 0.28 14.70 63.22
CA ASP A 190 -0.20 15.96 63.80
C ASP A 190 -0.26 17.05 62.73
N ARG A 191 -1.03 16.79 61.68
CA ARG A 191 -1.33 17.68 60.56
C ARG A 191 -0.20 17.77 59.55
N ARG A 192 0.90 17.05 59.73
CA ARG A 192 1.97 17.08 58.75
C ARG A 192 1.71 16.05 57.66
N SER A 193 2.58 16.03 56.65
CA SER A 193 2.30 15.23 55.47
C SER A 193 3.54 15.12 54.60
N LEU A 194 3.52 14.10 53.74
CA LEU A 194 4.52 13.94 52.69
C LEU A 194 3.93 14.46 51.38
N HIS A 195 4.57 15.47 50.80
CA HIS A 195 4.15 15.95 49.50
C HIS A 195 4.92 15.25 48.39
N LEU A 196 4.33 15.22 47.20
CA LEU A 196 4.94 14.54 46.07
C LEU A 196 4.29 14.98 44.78
N GLU A 197 5.11 15.11 43.73
CA GLU A 197 4.67 15.61 42.44
C GLU A 197 5.32 14.79 41.34
N ALA A 198 4.67 14.76 40.18
CA ALA A 198 5.24 14.10 39.01
C ALA A 198 4.53 14.60 37.77
N SER A 199 5.24 14.56 36.63
CA SER A 199 4.69 14.97 35.35
C SER A 199 5.60 14.58 34.18
N LEU A 200 5.04 13.95 33.16
CA LEU A 200 5.81 13.66 31.95
C LEU A 200 6.00 14.92 31.13
N ASP A 201 7.10 14.96 30.37
CA ASP A 201 7.31 16.05 29.43
C ASP A 201 6.28 16.03 28.32
N LYS A 202 5.99 14.85 27.77
CA LYS A 202 5.05 14.71 26.68
C LYS A 202 3.96 13.73 27.09
N GLU A 203 2.87 13.73 26.34
CA GLU A 203 1.76 12.82 26.61
C GLU A 203 1.80 11.57 25.74
N LEU A 204 2.42 11.64 24.56
CA LEU A 204 2.49 10.51 23.64
C LEU A 204 3.93 10.25 23.28
N TYR A 205 4.31 8.98 23.22
CA TYR A 205 5.69 8.62 22.93
C TYR A 205 5.73 7.45 21.95
N TYR A 206 6.77 7.43 21.14
CA TYR A 206 6.99 6.38 20.15
C TYR A 206 7.86 5.28 20.74
N HIS A 207 7.87 4.14 20.04
CA HIS A 207 8.66 3.00 20.48
C HIS A 207 10.13 3.38 20.54
N GLY A 208 10.79 3.01 21.64
CA GLY A 208 12.19 3.31 21.84
C GLY A 208 12.48 4.75 22.22
N GLU A 209 11.47 5.61 22.26
CA GLU A 209 11.68 7.00 22.64
C GLU A 209 11.73 7.09 24.17
N PRO A 210 12.82 7.60 24.75
CA PRO A 210 12.91 7.68 26.21
C PRO A 210 11.82 8.55 26.80
N LEU A 211 11.37 8.18 27.99
CA LEU A 211 10.35 8.92 28.72
C LEU A 211 11.03 9.70 29.84
N ASN A 212 10.68 10.97 29.95
CA ASN A 212 11.20 11.84 31.00
C ASN A 212 10.07 12.14 31.98
N VAL A 213 10.29 11.85 33.25
CA VAL A 213 9.29 12.06 34.29
C VAL A 213 9.83 13.09 35.28
N ASN A 214 9.09 14.18 35.46
CA ASN A 214 9.44 15.15 36.49
C ASN A 214 9.12 14.57 37.86
N VAL A 215 9.88 15.00 38.86
CA VAL A 215 9.64 14.63 40.25
C VAL A 215 9.85 15.87 41.11
N HIS A 216 8.95 16.09 42.05
CA HIS A 216 9.13 17.11 43.08
C HIS A 216 8.66 16.54 44.40
N VAL A 217 9.48 16.71 45.44
CA VAL A 217 9.16 16.19 46.77
C VAL A 217 9.57 17.23 47.80
N THR A 218 8.67 17.50 48.75
CA THR A 218 9.01 18.27 49.94
C THR A 218 8.44 17.54 51.15
N ASN A 219 9.27 17.39 52.18
CA ASN A 219 8.94 16.59 53.34
C ASN A 219 8.60 17.51 54.51
N ASN A 220 7.45 17.26 55.13
CA ASN A 220 7.04 17.96 56.34
C ASN A 220 6.93 17.04 57.55
N SER A 221 6.79 15.74 57.34
CA SER A 221 6.68 14.80 58.46
C SER A 221 8.08 14.40 58.94
N ALA A 222 8.11 13.71 60.08
CA ALA A 222 9.35 13.26 60.69
C ALA A 222 9.86 11.95 60.09
N LYS A 223 9.40 11.57 58.91
CA LYS A 223 9.79 10.32 58.28
C LYS A 223 10.58 10.58 57.01
N THR A 224 11.75 9.95 56.91
CA THR A 224 12.65 10.10 55.78
C THR A 224 12.41 9.00 54.76
N VAL A 225 12.51 9.36 53.48
CA VAL A 225 12.39 8.40 52.39
C VAL A 225 13.74 7.74 52.17
N LYS A 226 13.74 6.40 52.13
CA LYS A 226 14.98 5.67 51.94
C LYS A 226 15.36 5.60 50.47
N LYS A 227 14.42 5.24 49.61
CA LYS A 227 14.66 5.11 48.18
C LYS A 227 13.36 5.33 47.44
N ILE A 228 13.48 5.57 46.14
CA ILE A 228 12.33 5.78 45.28
C ILE A 228 12.26 4.64 44.26
N ARG A 229 11.20 4.64 43.47
CA ARG A 229 11.00 3.60 42.48
C ARG A 229 10.28 4.19 41.27
N VAL A 230 10.63 3.69 40.09
CA VAL A 230 9.99 4.09 38.84
C VAL A 230 9.67 2.83 38.05
N SER A 231 8.46 2.77 37.49
CA SER A 231 8.04 1.63 36.70
C SER A 231 7.05 2.08 35.63
N VAL A 232 6.96 1.30 34.56
CA VAL A 232 6.10 1.61 33.44
C VAL A 232 5.17 0.43 33.17
N ARG A 233 4.76 -0.24 34.26
CA ARG A 233 4.00 -1.49 34.18
C ARG A 233 2.84 -1.39 33.19
N GLN A 234 2.65 -2.46 32.42
CA GLN A 234 1.65 -2.50 31.37
C GLN A 234 0.32 -3.02 31.89
N TYR A 235 -0.75 -2.34 31.51
CA TYR A 235 -2.12 -2.75 31.80
C TYR A 235 -2.72 -3.35 30.54
N ALA A 236 -2.90 -4.67 30.55
CA ALA A 236 -3.49 -5.39 29.44
C ALA A 236 -4.73 -6.13 29.95
N ASP A 237 -5.79 -6.07 29.17
CA ASP A 237 -7.06 -6.69 29.53
C ASP A 237 -7.57 -7.51 28.35
N ILE A 238 -8.04 -8.71 28.65
CA ILE A 238 -8.61 -9.61 27.66
C ILE A 238 -10.12 -9.47 27.78
N CYS A 239 -10.71 -8.61 26.96
CA CYS A 239 -12.10 -8.21 27.17
C CYS A 239 -13.11 -9.10 26.47
N LEU A 240 -12.66 -10.15 25.79
CA LEU A 240 -13.55 -11.00 25.01
C LEU A 240 -13.47 -12.43 25.57
N PHE A 241 -14.56 -12.87 26.21
CA PHE A 241 -14.69 -14.22 26.72
C PHE A 241 -13.53 -14.57 27.67
N SER A 242 -13.14 -13.59 28.49
CA SER A 242 -12.08 -13.75 29.47
C SER A 242 -12.07 -12.49 30.33
N THR A 243 -11.36 -12.56 31.46
CA THR A 243 -11.25 -11.43 32.36
C THR A 243 -9.82 -11.28 32.86
N ALA A 244 -8.84 -11.76 32.10
CA ALA A 244 -7.46 -11.80 32.56
C ALA A 244 -6.87 -10.39 32.52
N GLN A 245 -6.59 -9.83 33.69
CA GLN A 245 -6.05 -8.47 33.80
C GLN A 245 -4.55 -8.59 34.07
N TYR A 246 -3.79 -8.79 32.99
CA TYR A 246 -2.34 -8.90 33.11
C TYR A 246 -1.73 -7.57 33.53
N LYS A 247 -0.67 -7.66 34.34
CA LYS A 247 -0.13 -6.49 35.05
C LYS A 247 1.39 -6.50 35.08
N CYS A 248 2.03 -7.05 34.06
CA CYS A 248 3.48 -7.23 34.12
C CYS A 248 4.21 -5.89 34.11
N PRO A 249 5.17 -5.69 35.01
CA PRO A 249 5.97 -4.46 34.97
C PRO A 249 7.09 -4.53 33.94
N VAL A 250 6.77 -4.15 32.70
CA VAL A 250 7.68 -4.39 31.57
C VAL A 250 9.04 -3.74 31.80
N ALA A 251 9.07 -2.54 32.37
CA ALA A 251 10.34 -1.88 32.65
C ALA A 251 10.28 -1.17 33.99
N GLN A 252 11.35 -1.30 34.76
CA GLN A 252 11.46 -0.69 36.08
C GLN A 252 12.92 -0.32 36.32
N LEU A 253 13.12 0.77 37.05
CA LEU A 253 14.46 1.20 37.43
C LEU A 253 14.46 1.57 38.90
N GLU A 254 15.59 1.33 39.57
CA GLU A 254 15.77 1.68 40.97
C GLU A 254 16.87 2.74 41.09
N GLN A 255 16.61 3.75 41.90
CA GLN A 255 17.59 4.80 42.16
C GLN A 255 17.38 5.28 43.59
N ASP A 256 18.45 5.32 44.37
CA ASP A 256 18.36 5.52 45.81
C ASP A 256 18.71 6.96 46.16
N ASP A 257 17.68 7.78 46.32
CA ASP A 257 17.80 9.12 46.87
C ASP A 257 17.17 9.16 48.26
N GLN A 258 17.53 10.18 49.03
CA GLN A 258 17.02 10.33 50.39
C GLN A 258 16.60 11.77 50.61
N VAL A 259 15.51 11.94 51.36
CA VAL A 259 15.00 13.26 51.73
C VAL A 259 14.57 13.23 53.19
N SER A 260 15.28 13.96 54.04
CA SER A 260 15.00 14.01 55.47
C SER A 260 13.80 14.92 55.72
N PRO A 261 13.32 14.98 56.96
CA PRO A 261 12.26 15.94 57.27
C PRO A 261 12.69 17.37 56.98
N SER A 262 11.72 18.19 56.58
CA SER A 262 11.94 19.60 56.27
C SER A 262 12.96 19.78 55.15
N SER A 263 12.90 18.90 54.16
CA SER A 263 13.77 18.97 52.99
C SER A 263 12.93 18.84 51.72
N THR A 264 13.35 19.55 50.68
CA THR A 264 12.67 19.56 49.39
C THR A 264 13.62 19.09 48.31
N PHE A 265 13.08 18.37 47.32
CA PHE A 265 13.93 17.74 46.32
C PHE A 265 13.11 17.61 45.05
N CYS A 266 13.66 18.08 43.93
CA CYS A 266 13.05 17.91 42.62
C CYS A 266 14.10 17.39 41.64
N LYS A 267 13.65 16.65 40.63
CA LYS A 267 14.57 16.01 39.70
C LYS A 267 13.81 15.61 38.44
N VAL A 268 14.54 14.98 37.51
CA VAL A 268 13.99 14.41 36.30
C VAL A 268 14.62 13.04 36.08
N TYR A 269 13.80 12.06 35.74
CA TYR A 269 14.25 10.69 35.55
C TYR A 269 13.88 10.19 34.16
N THR A 270 14.81 9.45 33.55
CA THR A 270 14.66 8.95 32.19
C THR A 270 14.43 7.45 32.23
N ILE A 271 13.40 6.99 31.52
CA ILE A 271 13.07 5.57 31.42
C ILE A 271 12.82 5.25 29.96
N THR A 272 13.05 3.99 29.59
CA THR A 272 12.91 3.54 28.20
C THR A 272 12.15 2.22 28.19
N PRO A 273 10.84 2.24 27.97
CA PRO A 273 10.10 0.98 27.83
C PRO A 273 10.49 0.27 26.55
N LEU A 274 11.20 -0.84 26.66
CA LEU A 274 11.78 -1.52 25.51
C LEU A 274 11.54 -3.02 25.61
N LEU A 275 11.13 -3.62 24.50
CA LEU A 275 10.90 -5.06 24.48
C LEU A 275 12.21 -5.84 24.59
N SER A 276 13.20 -5.48 23.77
CA SER A 276 14.42 -6.27 23.67
C SER A 276 15.20 -6.31 24.98
N ASP A 277 14.90 -5.40 25.92
CA ASP A 277 15.54 -5.47 27.22
C ASP A 277 15.20 -6.79 27.91
N ASN A 278 13.94 -7.18 27.89
CA ASN A 278 13.48 -8.44 28.49
C ASN A 278 12.62 -9.16 27.45
N ARG A 279 13.27 -10.01 26.65
CA ARG A 279 12.57 -10.80 25.63
C ARG A 279 12.01 -12.08 26.25
N GLU A 280 11.22 -11.90 27.29
CA GLU A 280 10.59 -12.99 28.03
C GLU A 280 9.08 -12.85 27.93
N LYS A 281 8.38 -13.99 27.92
CA LYS A 281 6.92 -13.96 27.82
C LYS A 281 6.29 -13.11 28.92
N ARG A 282 6.65 -13.39 30.18
CA ARG A 282 6.40 -12.49 31.31
C ARG A 282 4.93 -12.04 31.41
N GLY A 283 4.03 -12.70 30.70
CA GLY A 283 2.63 -12.31 30.72
C GLY A 283 2.35 -10.88 30.31
N LEU A 284 2.95 -10.43 29.21
CA LEU A 284 2.76 -9.07 28.73
C LEU A 284 2.35 -9.10 27.27
N ALA A 285 1.92 -7.95 26.76
CA ALA A 285 1.31 -7.85 25.45
C ALA A 285 2.31 -7.33 24.42
N LEU A 286 2.28 -7.92 23.23
CA LEU A 286 3.21 -7.61 22.16
C LEU A 286 2.45 -7.13 20.93
N ASP A 287 3.14 -6.41 20.05
CA ASP A 287 2.57 -6.08 18.76
C ASP A 287 2.78 -7.18 17.73
N GLY A 288 3.58 -8.19 18.04
CA GLY A 288 3.78 -9.33 17.17
C GLY A 288 4.37 -10.45 17.97
N GLN A 289 4.31 -11.65 17.39
CA GLN A 289 4.87 -12.82 18.06
C GLN A 289 6.31 -12.56 18.46
N LEU A 290 6.64 -12.88 19.70
CA LEU A 290 7.94 -12.57 20.28
C LEU A 290 9.04 -13.51 19.81
N LYS A 291 8.73 -14.41 18.88
CA LYS A 291 9.72 -15.30 18.31
C LYS A 291 10.72 -14.58 17.42
N HIS A 292 10.38 -13.38 16.94
CA HIS A 292 11.26 -12.58 16.10
C HIS A 292 11.38 -11.18 16.66
N GLU A 293 12.53 -10.54 16.40
CA GLU A 293 12.89 -9.29 17.04
C GLU A 293 12.36 -8.04 16.33
N ASP A 294 11.66 -8.20 15.21
CA ASP A 294 11.09 -7.03 14.55
C ASP A 294 9.82 -6.53 15.24
N THR A 295 9.58 -6.97 16.47
CA THR A 295 8.41 -6.61 17.25
C THR A 295 8.82 -5.76 18.44
N ASN A 296 7.85 -5.02 18.98
CA ASN A 296 8.06 -4.21 20.16
C ASN A 296 6.87 -4.39 21.09
N LEU A 297 6.81 -3.57 22.13
CA LEU A 297 5.66 -3.59 23.02
C LEU A 297 4.40 -3.19 22.27
N ALA A 298 3.27 -3.77 22.67
CA ALA A 298 2.02 -3.49 22.01
C ALA A 298 1.67 -2.01 22.12
N SER A 299 1.27 -1.43 20.99
CA SER A 299 0.87 -0.03 20.98
C SER A 299 -0.45 0.15 21.71
N SER A 300 -0.52 1.22 22.51
CA SER A 300 -1.72 1.49 23.30
C SER A 300 -2.92 1.65 22.39
N THR A 301 -4.02 1.01 22.77
CA THR A 301 -5.21 0.95 21.92
C THR A 301 -6.08 2.17 22.14
N ILE A 302 -6.42 2.85 21.06
CA ILE A 302 -7.38 3.95 21.10
C ILE A 302 -8.78 3.38 21.04
N VAL A 303 -9.63 3.78 21.99
CA VAL A 303 -10.98 3.24 22.04
C VAL A 303 -11.78 3.59 20.79
N LYS A 304 -11.64 4.82 20.31
CA LYS A 304 -12.40 5.31 19.14
C LYS A 304 -13.89 5.15 19.48
N GLU A 305 -14.72 4.75 18.53
CA GLU A 305 -16.12 4.47 18.78
C GLU A 305 -16.55 3.38 17.82
N GLY A 306 -17.85 3.09 17.78
CA GLY A 306 -18.32 1.96 17.02
C GLY A 306 -18.50 0.74 17.89
N ALA A 307 -19.25 0.90 18.98
CA ALA A 307 -19.50 -0.15 19.98
C ALA A 307 -18.22 -0.49 20.74
N ASN A 308 -17.47 0.53 21.12
CA ASN A 308 -16.24 0.41 21.91
C ASN A 308 -15.32 -0.73 21.44
N LYS A 309 -14.80 -1.56 22.36
CA LYS A 309 -13.75 -2.50 22.01
C LYS A 309 -13.96 -3.89 22.63
N GLU A 310 -15.12 -4.14 23.24
CA GLU A 310 -15.29 -5.38 24.01
C GLU A 310 -15.15 -6.61 23.12
N VAL A 311 -15.72 -6.58 21.92
CA VAL A 311 -15.62 -7.69 20.98
C VAL A 311 -14.58 -7.42 19.90
N LEU A 312 -13.92 -6.27 19.93
CA LEU A 312 -13.01 -5.83 18.89
C LEU A 312 -11.55 -5.94 19.34
N GLY A 313 -11.21 -7.00 20.07
CA GLY A 313 -9.82 -7.27 20.40
C GLY A 313 -9.45 -6.78 21.77
N ILE A 314 -8.19 -7.05 22.13
CA ILE A 314 -7.70 -6.82 23.48
C ILE A 314 -7.08 -5.43 23.56
N LEU A 315 -7.21 -4.80 24.72
CA LEU A 315 -6.75 -3.45 24.96
C LEU A 315 -5.48 -3.47 25.80
N VAL A 316 -4.58 -2.53 25.53
CA VAL A 316 -3.37 -2.33 26.31
C VAL A 316 -3.24 -0.85 26.62
N SER A 317 -2.84 -0.54 27.85
CA SER A 317 -2.66 0.84 28.29
C SER A 317 -1.45 0.92 29.19
N TYR A 318 -0.65 1.97 29.02
CA TYR A 318 0.55 2.16 29.79
C TYR A 318 0.40 3.33 30.75
N ARG A 319 1.17 3.29 31.83
CA ARG A 319 1.30 4.45 32.71
C ARG A 319 2.51 4.32 33.62
N VAL A 320 3.25 5.42 33.76
CA VAL A 320 4.42 5.45 34.63
C VAL A 320 3.95 5.52 36.07
N LYS A 321 4.39 4.57 36.87
CA LYS A 321 4.04 4.65 38.31
C LYS A 321 5.33 4.83 39.10
N VAL A 322 5.36 5.83 39.95
CA VAL A 322 6.48 6.12 40.85
C VAL A 322 5.97 6.04 42.28
N LYS A 323 6.87 5.67 43.19
CA LYS A 323 6.49 5.54 44.58
C LYS A 323 7.70 5.83 45.47
N LEU A 324 7.40 6.17 46.72
CA LEU A 324 8.43 6.51 47.70
C LEU A 324 8.45 5.45 48.78
N VAL A 325 9.63 4.91 49.07
CA VAL A 325 9.80 3.96 50.16
C VAL A 325 10.20 4.77 51.39
N VAL A 326 9.20 5.30 52.09
CA VAL A 326 9.46 6.02 53.33
C VAL A 326 9.93 5.03 54.39
N SER A 327 10.65 5.56 55.39
CA SER A 327 11.35 4.73 56.37
C SER A 327 10.46 3.62 56.92
N ARG A 328 9.42 3.99 57.67
CA ARG A 328 8.52 3.00 58.26
C ARG A 328 7.13 3.60 58.36
N GLY A 329 6.20 3.10 57.55
CA GLY A 329 4.81 3.49 57.72
C GLY A 329 4.03 3.75 56.46
N GLY A 330 4.67 3.69 55.30
CA GLY A 330 3.96 3.97 54.05
C GLY A 330 4.71 3.51 52.83
N ASP A 331 3.97 3.42 51.73
CA ASP A 331 4.53 3.13 50.42
C ASP A 331 3.82 4.00 49.37
N VAL A 332 3.70 5.29 49.67
CA VAL A 332 2.93 6.22 48.85
C VAL A 332 3.37 6.12 47.39
N SER A 333 2.39 6.06 46.49
CA SER A 333 2.63 5.82 45.08
C SER A 333 1.88 6.83 44.23
N VAL A 334 2.16 6.82 42.92
CA VAL A 334 1.60 7.77 41.97
C VAL A 334 1.38 7.02 40.65
N GLU A 335 0.51 7.57 39.80
CA GLU A 335 0.25 6.99 38.49
C GLU A 335 0.13 8.10 37.46
N LEU A 336 0.78 7.92 36.32
CA LEU A 336 0.84 8.93 35.25
C LEU A 336 0.50 8.30 33.92
N PRO A 337 -0.78 8.22 33.57
CA PRO A 337 -1.15 7.58 32.29
C PRO A 337 -0.59 8.31 31.09
N PHE A 338 -0.26 7.54 30.06
CA PHE A 338 0.16 8.07 28.76
C PHE A 338 -0.23 7.05 27.69
N VAL A 339 0.24 7.28 26.47
CA VAL A 339 -0.04 6.39 25.35
C VAL A 339 1.25 6.18 24.56
N LEU A 340 1.43 4.97 24.05
CA LEU A 340 2.63 4.60 23.31
C LEU A 340 2.22 4.11 21.92
N MET A 341 3.03 4.42 20.91
CA MET A 341 2.64 4.12 19.54
C MET A 341 3.86 3.87 18.68
N HIS A 342 3.63 3.26 17.53
CA HIS A 342 4.70 3.00 16.57
C HIS A 342 5.20 4.32 15.99
N PRO A 343 6.51 4.57 15.99
CA PRO A 343 7.02 5.81 15.39
C PRO A 343 6.76 5.85 13.89
N LYS A 344 6.21 6.98 13.45
CA LYS A 344 5.98 7.21 12.02
C LYS A 344 5.63 8.67 11.77
N ASP A 379 14.43 4.90 -12.55
CA ASP A 379 14.59 4.21 -11.28
C ASP A 379 15.34 2.89 -11.47
N ASP A 380 15.77 2.29 -10.36
CA ASP A 380 16.49 1.03 -10.39
C ASP A 380 15.50 -0.13 -10.37
N ASP A 381 16.04 -1.35 -10.44
CA ASP A 381 15.22 -2.56 -10.42
C ASP A 381 14.82 -2.87 -8.98
N ILE A 382 14.26 -4.07 -8.76
CA ILE A 382 13.72 -4.46 -7.47
C ILE A 382 14.53 -5.62 -6.91
N VAL A 383 14.63 -5.66 -5.58
CA VAL A 383 15.34 -6.71 -4.86
C VAL A 383 14.32 -7.56 -4.13
N PHE A 384 14.38 -8.87 -4.32
CA PHE A 384 13.39 -9.78 -3.76
C PHE A 384 13.82 -10.23 -2.37
N GLU A 385 13.44 -9.45 -1.37
CA GLU A 385 13.57 -9.90 0.01
C GLU A 385 12.58 -11.01 0.30
N ASP A 386 12.98 -11.93 1.17
CA ASP A 386 12.10 -13.02 1.55
C ASP A 386 11.17 -12.58 2.68
N PHE A 387 10.02 -13.23 2.76
CA PHE A 387 9.01 -12.92 3.77
C PHE A 387 9.32 -13.56 5.12
N ALA A 388 10.49 -14.14 5.28
CA ALA A 388 10.85 -14.81 6.54
C ALA A 388 11.17 -13.76 7.60
N ARG A 389 10.41 -13.78 8.70
CA ARG A 389 10.62 -12.84 9.79
C ARG A 389 11.86 -13.28 10.57
N LEU A 390 13.00 -12.65 10.28
CA LEU A 390 14.27 -13.03 10.88
C LEU A 390 14.22 -12.89 12.40
N ARG A 391 15.11 -13.61 13.06
CA ARG A 391 15.11 -13.69 14.53
C ARG A 391 16.48 -14.16 15.00
N LEU A 392 16.64 -14.18 16.33
CA LEU A 392 17.78 -14.81 16.98
C LEU A 392 17.23 -15.91 17.90
N LYS A 393 17.74 -17.12 17.72
CA LYS A 393 17.25 -18.26 18.50
C LYS A 393 18.33 -19.33 18.65
N ASP B 1 13.30 11.45 -23.00
CA ASP B 1 12.47 10.26 -22.98
C ASP B 1 13.15 9.10 -23.72
N ILE B 2 12.48 7.95 -23.75
CA ILE B 2 13.01 6.79 -24.46
C ILE B 2 12.86 7.01 -25.96
N GLN B 3 13.91 6.68 -26.71
CA GLN B 3 13.89 6.78 -28.16
C GLN B 3 13.58 5.41 -28.75
N MET B 4 12.52 5.34 -29.55
CA MET B 4 12.05 4.08 -30.10
C MET B 4 12.00 4.21 -31.63
N THR B 5 12.58 3.23 -32.30
CA THR B 5 12.81 3.31 -33.74
C THR B 5 12.12 2.17 -34.47
N GLN B 6 11.52 2.48 -35.61
CA GLN B 6 10.89 1.51 -36.48
C GLN B 6 11.61 1.51 -37.83
N SER B 7 11.67 0.32 -38.45
CA SER B 7 12.35 0.20 -39.73
C SER B 7 11.82 -1.03 -40.45
N PRO B 8 11.62 -0.97 -41.76
CA PRO B 8 11.69 0.21 -42.63
C PRO B 8 10.36 0.96 -42.63
N SER B 9 10.35 2.26 -42.95
CA SER B 9 9.15 3.08 -42.87
C SER B 9 8.29 3.02 -44.13
N SER B 10 8.49 2.03 -45.00
CA SER B 10 7.68 1.90 -46.20
C SER B 10 7.85 0.49 -46.75
N LEU B 11 6.74 -0.15 -47.09
CA LEU B 11 6.76 -1.52 -47.57
C LEU B 11 5.65 -1.70 -48.62
N SER B 12 5.65 -2.86 -49.26
CA SER B 12 4.58 -3.19 -50.21
C SER B 12 4.57 -4.69 -50.42
N ALA B 13 3.46 -5.34 -50.05
CA ALA B 13 3.25 -6.74 -50.31
C ALA B 13 1.84 -6.93 -50.87
N SER B 14 1.64 -8.04 -51.57
CA SER B 14 0.37 -8.34 -52.20
C SER B 14 -0.52 -9.12 -51.24
N VAL B 15 -1.82 -9.15 -51.59
CA VAL B 15 -2.78 -9.90 -50.78
C VAL B 15 -2.37 -11.36 -50.72
N GLY B 16 -2.29 -11.89 -49.50
CA GLY B 16 -1.85 -13.25 -49.29
C GLY B 16 -0.37 -13.44 -49.00
N ASP B 17 0.41 -12.36 -48.93
CA ASP B 17 1.82 -12.50 -48.60
C ASP B 17 2.05 -12.43 -47.09
N ARG B 18 3.29 -12.64 -46.70
CA ARG B 18 3.73 -12.62 -45.31
C ARG B 18 4.69 -11.47 -45.10
N VAL B 19 4.46 -10.68 -44.06
CA VAL B 19 5.11 -9.38 -43.87
C VAL B 19 5.73 -9.30 -42.48
N THR B 20 6.86 -8.61 -42.38
CA THR B 20 7.57 -8.42 -41.12
C THR B 20 7.90 -6.95 -40.93
N ILE B 21 7.72 -6.45 -39.72
CA ILE B 21 8.02 -5.08 -39.35
C ILE B 21 8.77 -5.10 -38.03
N THR B 22 9.92 -4.42 -37.98
CA THR B 22 10.76 -4.44 -36.79
C THR B 22 10.81 -3.05 -36.16
N CYS B 23 10.65 -3.01 -34.84
CA CYS B 23 10.77 -1.80 -34.04
C CYS B 23 11.85 -2.03 -33.01
N ARG B 24 12.82 -1.11 -32.93
CA ARG B 24 13.97 -1.26 -32.06
C ARG B 24 13.90 -0.31 -30.88
N ALA B 25 14.47 -0.73 -29.76
CA ALA B 25 14.44 0.03 -28.52
C ALA B 25 15.85 0.48 -28.17
N SER B 26 15.99 1.75 -27.80
CA SER B 26 17.28 2.30 -27.37
C SER B 26 17.59 2.00 -25.91
N GLN B 27 16.63 1.44 -25.17
CA GLN B 27 16.83 1.13 -23.76
C GLN B 27 16.05 -0.14 -23.45
N SER B 28 16.45 -0.81 -22.37
CA SER B 28 15.80 -2.04 -21.98
C SER B 28 14.32 -1.82 -21.71
N VAL B 29 13.48 -2.47 -22.51
CA VAL B 29 12.03 -2.43 -22.33
C VAL B 29 11.57 -3.85 -22.03
N SER B 30 10.89 -4.02 -20.90
CA SER B 30 10.55 -5.36 -20.40
C SER B 30 9.29 -5.87 -21.08
N SER B 31 9.41 -6.12 -22.38
CA SER B 31 8.33 -6.67 -23.20
C SER B 31 7.05 -5.83 -23.12
N ALA B 32 7.18 -4.56 -22.75
CA ALA B 32 6.03 -3.70 -22.53
C ALA B 32 5.78 -2.81 -23.76
N VAL B 33 5.40 -3.46 -24.85
CA VAL B 33 5.12 -2.77 -26.10
C VAL B 33 3.76 -3.21 -26.62
N ALA B 34 3.22 -2.43 -27.55
CA ALA B 34 1.96 -2.74 -28.17
C ALA B 34 1.91 -2.04 -29.53
N TRP B 35 1.23 -2.67 -30.48
CA TRP B 35 1.20 -2.18 -31.85
C TRP B 35 -0.19 -1.68 -32.20
N TYR B 36 -0.24 -0.56 -32.91
CA TYR B 36 -1.50 0.04 -33.33
C TYR B 36 -1.58 0.07 -34.86
N GLN B 37 -2.78 -0.18 -35.38
CA GLN B 37 -3.06 -0.12 -36.80
C GLN B 37 -3.97 1.07 -37.06
N GLN B 38 -3.49 2.04 -37.83
CA GLN B 38 -4.23 3.27 -38.09
C GLN B 38 -4.67 3.29 -39.54
N LYS B 39 -5.96 3.10 -39.77
CA LYS B 39 -6.51 3.33 -41.10
C LYS B 39 -6.43 4.82 -41.42
N PRO B 40 -6.39 5.19 -42.70
CA PRO B 40 -6.26 6.60 -43.05
C PRO B 40 -7.42 7.42 -42.51
N GLY B 41 -7.08 8.44 -41.73
CA GLY B 41 -8.08 9.32 -41.15
C GLY B 41 -9.02 8.64 -40.17
N LYS B 42 -8.47 7.84 -39.26
CA LYS B 42 -9.26 7.15 -38.25
C LYS B 42 -8.44 7.04 -36.97
N ALA B 43 -9.11 6.67 -35.90
CA ALA B 43 -8.44 6.49 -34.62
C ALA B 43 -7.60 5.21 -34.65
N PRO B 44 -6.34 5.27 -34.25
CA PRO B 44 -5.49 4.07 -34.26
C PRO B 44 -6.05 2.97 -33.37
N LYS B 45 -6.43 1.86 -34.00
CA LYS B 45 -6.92 0.69 -33.29
C LYS B 45 -5.77 -0.09 -32.69
N LEU B 46 -6.05 -0.80 -31.61
CA LEU B 46 -5.08 -1.69 -30.99
C LEU B 46 -4.94 -2.97 -31.81
N LEU B 47 -3.72 -3.50 -31.89
CA LEU B 47 -3.45 -4.73 -32.62
C LEU B 47 -3.03 -5.86 -31.68
N ILE B 48 -1.94 -5.68 -30.94
CA ILE B 48 -1.45 -6.67 -29.98
C ILE B 48 -0.82 -5.93 -28.82
N TYR B 49 -0.82 -6.56 -27.66
CA TYR B 49 -0.22 -5.99 -26.46
C TYR B 49 0.74 -7.00 -25.84
N SER B 50 1.55 -6.51 -24.90
CA SER B 50 2.55 -7.29 -24.19
C SER B 50 3.59 -7.89 -25.12
N ALA B 51 3.64 -7.43 -26.37
CA ALA B 51 4.54 -7.82 -27.45
C ALA B 51 4.21 -9.18 -28.03
N SER B 52 3.32 -9.96 -27.41
CA SER B 52 2.95 -11.25 -27.98
C SER B 52 1.47 -11.57 -27.87
N SER B 53 0.71 -10.87 -27.05
CA SER B 53 -0.67 -11.24 -26.78
C SER B 53 -1.61 -10.57 -27.78
N LEU B 54 -2.55 -11.35 -28.30
CA LEU B 54 -3.52 -10.86 -29.26
C LEU B 54 -4.60 -10.06 -28.54
N TYR B 55 -5.42 -9.36 -29.32
CA TYR B 55 -6.50 -8.55 -28.78
C TYR B 55 -7.75 -8.74 -29.62
N SER B 56 -8.90 -8.46 -29.03
CA SER B 56 -10.17 -8.67 -29.70
C SER B 56 -10.31 -7.76 -30.91
N GLY B 57 -11.10 -8.21 -31.88
CA GLY B 57 -11.28 -7.48 -33.11
C GLY B 57 -10.13 -7.59 -34.08
N VAL B 58 -9.13 -8.40 -33.77
CA VAL B 58 -7.94 -8.54 -34.59
C VAL B 58 -7.81 -10.02 -34.97
N PRO B 59 -7.72 -10.36 -36.25
CA PRO B 59 -7.60 -11.77 -36.63
C PRO B 59 -6.30 -12.36 -36.12
N SER B 60 -6.28 -13.68 -35.94
CA SER B 60 -5.12 -14.37 -35.39
C SER B 60 -3.91 -14.30 -36.31
N ARG B 61 -4.05 -13.63 -37.46
CA ARG B 61 -2.93 -13.52 -38.39
C ARG B 61 -1.79 -12.70 -37.81
N PHE B 62 -2.10 -11.72 -36.98
CA PHE B 62 -1.06 -10.90 -36.35
C PHE B 62 -0.44 -11.63 -35.18
N SER B 63 0.89 -11.59 -35.08
CA SER B 63 1.58 -12.26 -33.98
C SER B 63 2.96 -11.62 -33.81
N GLY B 64 3.08 -10.76 -32.79
CA GLY B 64 4.36 -10.18 -32.47
C GLY B 64 5.24 -11.12 -31.66
N SER B 65 6.52 -10.78 -31.57
CA SER B 65 7.47 -11.62 -30.85
C SER B 65 8.60 -10.76 -30.32
N ARG B 66 8.94 -10.96 -29.05
CA ARG B 66 10.05 -10.25 -28.42
C ARG B 66 11.30 -11.11 -28.52
N SER B 67 12.32 -10.59 -29.20
CA SER B 67 13.59 -11.29 -29.39
C SER B 67 14.73 -10.48 -28.78
N GLY B 68 14.55 -10.03 -27.54
CA GLY B 68 15.55 -9.23 -26.89
C GLY B 68 15.16 -7.77 -26.82
N THR B 69 16.14 -6.88 -26.85
CA THR B 69 15.85 -5.45 -26.84
C THR B 69 15.02 -5.03 -28.04
N ASP B 70 15.09 -5.78 -29.14
CA ASP B 70 14.34 -5.45 -30.34
C ASP B 70 12.90 -5.93 -30.21
N PHE B 71 12.07 -5.53 -31.17
CA PHE B 71 10.67 -5.96 -31.23
C PHE B 71 10.27 -6.10 -32.68
N THR B 72 9.25 -6.91 -32.92
CA THR B 72 8.92 -7.25 -34.30
C THR B 72 7.46 -7.70 -34.39
N LEU B 73 6.83 -7.38 -35.51
CA LEU B 73 5.47 -7.79 -35.82
C LEU B 73 5.47 -8.69 -37.05
N THR B 74 4.61 -9.70 -37.05
CA THR B 74 4.46 -10.61 -38.17
C THR B 74 3.00 -10.64 -38.61
N ILE B 75 2.81 -10.81 -39.92
CA ILE B 75 1.49 -10.97 -40.50
C ILE B 75 1.54 -12.22 -41.37
N SER B 76 0.86 -13.28 -40.95
CA SER B 76 0.94 -14.56 -41.66
C SER B 76 0.42 -14.42 -43.09
N SER B 77 -0.68 -13.71 -43.29
CA SER B 77 -1.28 -13.55 -44.61
C SER B 77 -1.84 -12.14 -44.72
N LEU B 78 -1.28 -11.34 -45.62
CA LEU B 78 -1.76 -9.98 -45.81
C LEU B 78 -3.10 -9.98 -46.53
N GLN B 79 -3.99 -9.10 -46.08
CA GLN B 79 -5.34 -8.94 -46.60
C GLN B 79 -5.60 -7.47 -46.85
N PRO B 80 -6.69 -7.12 -47.54
CA PRO B 80 -7.00 -5.70 -47.73
C PRO B 80 -7.19 -4.94 -46.43
N GLU B 81 -7.53 -5.63 -45.35
CA GLU B 81 -7.65 -4.98 -44.06
C GLU B 81 -6.32 -4.44 -43.55
N ASP B 82 -5.20 -4.96 -44.06
CA ASP B 82 -3.88 -4.62 -43.52
C ASP B 82 -3.26 -3.40 -44.19
N PHE B 83 -3.93 -2.77 -45.14
CA PHE B 83 -3.46 -1.51 -45.70
C PHE B 83 -3.68 -0.43 -44.65
N ALA B 84 -2.61 -0.03 -43.97
CA ALA B 84 -2.69 0.99 -42.92
C ALA B 84 -1.26 1.40 -42.57
N THR B 85 -1.12 2.11 -41.45
CA THR B 85 0.17 2.44 -40.88
C THR B 85 0.25 1.81 -39.49
N TYR B 86 1.36 1.16 -39.19
CA TYR B 86 1.52 0.40 -37.96
C TYR B 86 2.48 1.13 -37.03
N TYR B 87 2.07 1.30 -35.77
CA TYR B 87 2.84 2.05 -34.79
C TYR B 87 3.25 1.15 -33.64
N CYS B 88 4.56 1.07 -33.39
CA CYS B 88 5.09 0.42 -32.20
C CYS B 88 5.15 1.44 -31.07
N GLN B 89 4.72 0.99 -29.88
CA GLN B 89 4.65 1.87 -28.68
C GLN B 89 5.39 1.27 -27.50
N GLN B 90 6.18 2.06 -26.76
CA GLN B 90 6.93 1.59 -25.59
C GLN B 90 6.25 2.13 -24.34
N SER B 91 6.06 1.26 -23.36
CA SER B 91 5.33 1.60 -22.14
C SER B 91 6.05 1.05 -20.91
N LYS B 92 7.36 1.29 -20.82
CA LYS B 92 8.13 0.74 -19.71
C LYS B 92 7.59 1.24 -18.37
N TYR B 93 7.36 2.54 -18.25
CA TYR B 93 6.82 3.12 -17.02
C TYR B 93 5.29 3.13 -17.07
N ASP B 94 4.68 3.75 -16.06
CA ASP B 94 3.23 3.89 -16.04
C ASP B 94 2.75 5.06 -16.90
N GLY B 95 3.13 6.26 -16.51
CA GLY B 95 2.60 7.44 -17.16
C GLY B 95 3.32 7.88 -18.41
N LEU B 96 4.39 7.18 -18.80
CA LEU B 96 5.22 7.60 -19.93
C LEU B 96 4.97 6.67 -21.11
N ILE B 97 4.71 7.25 -22.28
CA ILE B 97 4.45 6.52 -23.51
C ILE B 97 5.29 7.15 -24.61
N THR B 98 5.70 6.32 -25.55
CA THR B 98 6.42 6.79 -26.72
C THR B 98 6.07 5.90 -27.90
N PHE B 99 5.98 6.50 -29.08
CA PHE B 99 5.60 5.82 -30.29
C PHE B 99 6.75 5.84 -31.30
N GLY B 100 6.73 4.88 -32.21
CA GLY B 100 7.65 4.90 -33.31
C GLY B 100 7.18 5.79 -34.44
N GLN B 101 8.04 5.93 -35.47
CA GLN B 101 7.66 6.71 -36.63
C GLN B 101 6.53 6.07 -37.43
N GLY B 102 6.35 4.76 -37.31
CA GLY B 102 5.33 4.06 -38.06
C GLY B 102 5.80 3.66 -39.45
N THR B 103 5.16 2.62 -39.97
CA THR B 103 5.48 2.09 -41.29
C THR B 103 4.23 2.10 -42.15
N LYS B 104 4.37 2.55 -43.40
CA LYS B 104 3.26 2.65 -44.34
C LYS B 104 3.22 1.37 -45.17
N VAL B 105 2.31 0.47 -44.84
CA VAL B 105 2.21 -0.83 -45.50
C VAL B 105 1.26 -0.66 -46.67
N ALA B 106 1.79 -0.25 -47.82
CA ALA B 106 1.01 -0.23 -49.04
C ALA B 106 0.75 -1.63 -49.56
N SER C 1 -23.73 -2.15 -22.43
CA SER C 1 -23.13 -0.82 -22.45
C SER C 1 -21.72 -0.88 -23.01
N GLU C 2 -21.31 0.22 -23.64
CA GLU C 2 -19.98 0.33 -24.24
C GLU C 2 -19.36 1.66 -23.82
N VAL C 3 -18.04 1.65 -23.68
CA VAL C 3 -17.31 2.86 -23.30
C VAL C 3 -17.18 3.78 -24.50
N GLN C 4 -18.05 4.78 -24.56
CA GLN C 4 -18.04 5.74 -25.67
C GLN C 4 -17.18 6.92 -25.27
N LEU C 5 -15.87 6.76 -25.45
CA LEU C 5 -14.95 7.87 -25.23
C LEU C 5 -15.11 8.86 -26.38
N VAL C 6 -15.28 10.14 -26.03
CA VAL C 6 -15.50 11.17 -27.03
C VAL C 6 -14.88 12.47 -26.50
N GLU C 7 -14.35 13.27 -27.42
CA GLU C 7 -13.69 14.51 -27.07
C GLU C 7 -14.25 15.64 -27.92
N SER C 8 -14.11 16.86 -27.43
CA SER C 8 -14.59 18.03 -28.12
C SER C 8 -14.00 19.28 -27.46
N GLY C 9 -14.13 20.41 -28.15
CA GLY C 9 -13.70 21.69 -27.64
C GLY C 9 -12.62 22.37 -28.45
N GLY C 10 -11.90 21.63 -29.29
CA GLY C 10 -10.84 22.22 -30.08
C GLY C 10 -11.38 23.16 -31.14
N GLY C 11 -10.60 24.20 -31.44
CA GLY C 11 -10.99 25.20 -32.42
C GLY C 11 -9.79 25.76 -33.13
N LEU C 12 -9.77 27.07 -33.32
CA LEU C 12 -8.69 27.76 -34.03
C LEU C 12 -8.19 28.89 -33.16
N VAL C 13 -6.87 29.00 -33.03
CA VAL C 13 -6.27 30.01 -32.18
C VAL C 13 -4.90 30.39 -32.74
N GLN C 14 -4.60 31.68 -32.76
CA GLN C 14 -3.30 32.15 -33.17
C GLN C 14 -2.25 31.78 -32.10
N PRO C 15 -0.97 31.70 -32.46
CA PRO C 15 0.02 31.20 -31.51
C PRO C 15 0.10 32.08 -30.26
N GLY C 16 0.36 31.44 -29.12
CA GLY C 16 0.35 32.10 -27.84
C GLY C 16 -1.00 32.15 -27.17
N GLY C 17 -2.05 31.61 -27.79
CA GLY C 17 -3.37 31.61 -27.21
C GLY C 17 -3.58 30.42 -26.28
N SER C 18 -4.85 30.22 -25.92
CA SER C 18 -5.22 29.16 -24.99
C SER C 18 -6.48 28.45 -25.48
N LEU C 19 -6.64 27.21 -25.05
CA LEU C 19 -7.81 26.41 -25.38
C LEU C 19 -7.91 25.28 -24.37
N ARG C 20 -9.12 24.75 -24.22
CA ARG C 20 -9.39 23.67 -23.27
C ARG C 20 -9.98 22.48 -24.02
N LEU C 21 -9.20 21.41 -24.17
CA LEU C 21 -9.70 20.19 -24.76
C LEU C 21 -10.45 19.37 -23.72
N SER C 22 -11.63 18.90 -24.07
CA SER C 22 -12.48 18.11 -23.19
C SER C 22 -12.57 16.68 -23.71
N CYS C 23 -12.64 15.73 -22.78
CA CYS C 23 -12.74 14.31 -23.11
C CYS C 23 -13.85 13.70 -22.27
N ALA C 24 -15.03 13.56 -22.85
CA ALA C 24 -16.16 12.96 -22.15
C ALA C 24 -16.05 11.44 -22.20
N ALA C 25 -16.20 10.80 -21.04
CA ALA C 25 -16.08 9.36 -20.92
C ALA C 25 -17.38 8.78 -20.35
N SER C 26 -17.60 7.49 -20.63
CA SER C 26 -18.78 6.80 -20.15
C SER C 26 -18.49 5.30 -20.12
N GLY C 27 -19.33 4.59 -19.40
CA GLY C 27 -19.25 3.14 -19.35
C GLY C 27 -18.19 2.57 -18.43
N PHE C 28 -17.43 3.42 -17.75
CA PHE C 28 -16.41 2.95 -16.82
C PHE C 28 -16.14 4.04 -15.80
N ASN C 29 -15.65 3.64 -14.64
CA ASN C 29 -15.31 4.61 -13.61
C ASN C 29 -13.99 5.29 -13.96
N PHE C 30 -13.95 6.62 -13.79
CA PHE C 30 -12.78 7.37 -14.19
C PHE C 30 -11.57 7.08 -13.32
N SER C 31 -11.81 6.76 -12.04
CA SER C 31 -10.70 6.63 -11.10
C SER C 31 -9.75 5.50 -11.48
N SER C 32 -10.29 4.36 -11.92
CA SER C 32 -9.49 3.15 -12.04
C SER C 32 -8.58 3.12 -13.27
N SER C 33 -8.70 4.09 -14.18
CA SER C 33 -7.96 4.01 -15.44
C SER C 33 -7.21 5.31 -15.70
N TYR C 34 -6.02 5.19 -16.26
CA TYR C 34 -5.26 6.35 -16.71
C TYR C 34 -5.93 6.98 -17.93
N ILE C 35 -5.58 8.24 -18.19
CA ILE C 35 -6.01 8.92 -19.41
C ILE C 35 -4.78 9.53 -20.05
N HIS C 36 -4.58 9.23 -21.34
CA HIS C 36 -3.48 9.80 -22.10
C HIS C 36 -4.01 10.58 -23.29
N TRP C 37 -3.41 11.73 -23.55
CA TRP C 37 -3.70 12.55 -24.72
C TRP C 37 -2.59 12.33 -25.73
N VAL C 38 -2.93 11.78 -26.89
CA VAL C 38 -1.96 11.48 -27.93
C VAL C 38 -2.32 12.30 -29.15
N ARG C 39 -1.36 13.09 -29.63
CA ARG C 39 -1.62 13.94 -30.79
C ARG C 39 -1.00 13.33 -32.03
N GLN C 40 -1.34 13.92 -33.18
CA GLN C 40 -0.90 13.40 -34.47
C GLN C 40 -0.86 14.54 -35.47
N ALA C 41 0.35 14.97 -35.83
CA ALA C 41 0.49 16.03 -36.81
C ALA C 41 -0.02 15.56 -38.17
N PRO C 42 -0.43 16.47 -39.04
CA PRO C 42 -0.90 16.06 -40.37
C PRO C 42 0.19 15.34 -41.14
N GLY C 43 -0.08 14.11 -41.53
CA GLY C 43 0.90 13.31 -42.26
C GLY C 43 2.14 13.01 -41.46
N LYS C 44 1.98 12.64 -40.19
CA LYS C 44 3.12 12.27 -39.35
C LYS C 44 2.65 11.25 -38.33
N GLY C 45 3.63 10.56 -37.74
CA GLY C 45 3.31 9.56 -36.74
C GLY C 45 2.81 10.16 -35.45
N LEU C 46 2.09 9.33 -34.69
CA LEU C 46 1.54 9.77 -33.43
C LEU C 46 2.63 10.27 -32.49
N GLU C 47 2.22 11.00 -31.46
CA GLU C 47 3.15 11.53 -30.48
C GLU C 47 2.42 11.69 -29.16
N TRP C 48 3.03 11.22 -28.07
CA TRP C 48 2.43 11.35 -26.76
C TRP C 48 2.50 12.79 -26.28
N VAL C 49 1.54 13.17 -25.44
CA VAL C 49 1.48 14.54 -24.94
C VAL C 49 1.54 14.57 -23.41
N ALA C 50 0.56 13.97 -22.75
CA ALA C 50 0.48 14.04 -21.29
C ALA C 50 -0.44 12.94 -20.80
N SER C 51 -0.47 12.75 -19.47
CA SER C 51 -1.29 11.73 -18.84
C SER C 51 -1.67 12.16 -17.45
N ILE C 52 -2.83 11.69 -16.98
CA ILE C 52 -3.29 11.96 -15.64
C ILE C 52 -4.07 10.75 -15.13
N SER C 53 -3.99 10.51 -13.83
CA SER C 53 -4.78 9.49 -13.15
C SER C 53 -5.57 10.18 -12.05
N SER C 54 -6.89 10.06 -12.09
CA SER C 54 -7.74 10.77 -11.15
C SER C 54 -7.48 10.33 -9.72
N TYR C 55 -7.38 9.02 -9.49
CA TYR C 55 -7.28 8.50 -8.13
C TYR C 55 -5.97 8.96 -7.47
N TYR C 56 -4.86 8.86 -8.19
CA TYR C 56 -3.57 9.21 -7.61
C TYR C 56 -3.19 10.67 -7.81
N GLY C 57 -3.86 11.37 -8.73
CA GLY C 57 -3.46 12.74 -9.03
C GLY C 57 -2.04 12.85 -9.53
N TYR C 58 -1.58 11.85 -10.27
CA TYR C 58 -0.20 11.79 -10.76
C TYR C 58 -0.19 12.24 -12.21
N THR C 59 0.28 13.45 -12.45
CA THR C 59 0.35 14.01 -13.80
C THR C 59 1.76 13.85 -14.34
N SER C 60 1.85 13.70 -15.67
CA SER C 60 3.13 13.70 -16.36
C SER C 60 2.92 14.27 -17.75
N TYR C 61 3.98 14.84 -18.31
CA TYR C 61 3.88 15.52 -19.59
C TYR C 61 5.07 15.13 -20.46
N ALA C 62 4.89 15.30 -21.77
CA ALA C 62 6.00 15.09 -22.70
C ALA C 62 6.99 16.24 -22.56
N ASP C 63 8.21 16.00 -23.07
CA ASP C 63 9.26 17.00 -22.94
C ASP C 63 8.91 18.29 -23.68
N SER C 64 8.41 18.16 -24.91
CA SER C 64 8.11 19.33 -25.72
C SER C 64 6.99 20.17 -25.14
N VAL C 65 6.20 19.62 -24.22
CA VAL C 65 5.05 20.30 -23.64
C VAL C 65 5.18 20.35 -22.12
N LYS C 66 6.41 20.37 -21.63
CA LYS C 66 6.65 20.22 -20.20
C LYS C 66 5.98 21.31 -19.39
N GLY C 67 6.01 22.56 -19.88
CA GLY C 67 5.45 23.65 -19.12
C GLY C 67 4.39 24.42 -19.86
N ARG C 68 3.95 23.88 -21.00
CA ARG C 68 2.97 24.55 -21.85
C ARG C 68 1.59 23.96 -21.75
N PHE C 69 1.48 22.67 -21.46
CA PHE C 69 0.20 21.99 -21.36
C PHE C 69 -0.14 21.76 -19.90
N THR C 70 -1.44 21.73 -19.60
CA THR C 70 -1.92 21.38 -18.28
C THR C 70 -3.08 20.41 -18.42
N ILE C 71 -2.97 19.26 -17.76
CA ILE C 71 -3.97 18.21 -17.82
C ILE C 71 -4.60 18.07 -16.44
N SER C 72 -5.94 18.09 -16.40
CA SER C 72 -6.66 18.04 -15.15
C SER C 72 -7.87 17.12 -15.28
N ALA C 73 -8.12 16.33 -14.25
CA ALA C 73 -9.21 15.35 -14.25
C ALA C 73 -10.31 15.84 -13.33
N ASP C 74 -11.53 15.93 -13.86
CA ASP C 74 -12.71 16.34 -13.10
C ASP C 74 -13.60 15.10 -13.02
N THR C 75 -13.49 14.37 -11.90
CA THR C 75 -14.25 13.15 -11.72
C THR C 75 -15.75 13.41 -11.62
N SER C 76 -16.15 14.60 -11.17
CA SER C 76 -17.57 14.89 -11.00
C SER C 76 -18.32 14.80 -12.33
N LYS C 77 -17.75 15.36 -13.39
CA LYS C 77 -18.33 15.27 -14.72
C LYS C 77 -17.81 14.07 -15.51
N ASN C 78 -17.00 13.21 -14.87
CA ASN C 78 -16.47 12.01 -15.50
C ASN C 78 -15.67 12.36 -16.76
N THR C 79 -14.89 13.43 -16.68
CA THR C 79 -14.11 13.91 -17.81
C THR C 79 -12.74 14.37 -17.34
N ALA C 80 -11.79 14.38 -18.26
CA ALA C 80 -10.44 14.85 -17.99
C ALA C 80 -10.10 15.92 -19.01
N TYR C 81 -9.72 17.10 -18.53
CA TYR C 81 -9.43 18.25 -19.39
C TYR C 81 -7.94 18.39 -19.63
N LEU C 82 -7.61 18.97 -20.79
CA LEU C 82 -6.23 19.34 -21.12
C LEU C 82 -6.28 20.82 -21.51
N GLN C 83 -5.85 21.68 -20.61
CA GLN C 83 -5.84 23.12 -20.86
C GLN C 83 -4.48 23.49 -21.42
N MET C 84 -4.46 23.96 -22.67
CA MET C 84 -3.22 24.25 -23.38
C MET C 84 -2.99 25.76 -23.43
N ASN C 85 -1.74 26.15 -23.24
CA ASN C 85 -1.35 27.55 -23.27
C ASN C 85 -0.08 27.70 -24.11
N SER C 86 0.13 28.91 -24.61
CA SER C 86 1.32 29.23 -25.41
C SER C 86 1.44 28.29 -26.62
N LEU C 87 0.33 28.14 -27.33
CA LEU C 87 0.33 27.30 -28.52
C LEU C 87 1.23 27.89 -29.60
N ARG C 88 1.80 27.02 -30.42
CA ARG C 88 2.67 27.44 -31.50
C ARG C 88 2.36 26.59 -32.73
N ALA C 89 3.08 26.86 -33.83
CA ALA C 89 2.74 26.27 -35.11
C ALA C 89 2.78 24.74 -35.06
N GLU C 90 3.76 24.17 -34.36
CA GLU C 90 3.93 22.73 -34.36
C GLU C 90 2.77 21.99 -33.70
N ASP C 91 1.96 22.69 -32.90
CA ASP C 91 0.86 22.05 -32.19
C ASP C 91 -0.41 21.96 -33.03
N THR C 92 -0.30 22.08 -34.35
CA THR C 92 -1.44 22.01 -35.25
C THR C 92 -1.97 20.59 -35.43
N ALA C 93 -1.50 19.65 -34.62
CA ALA C 93 -1.88 18.26 -34.75
C ALA C 93 -3.33 18.05 -34.34
N VAL C 94 -3.86 16.88 -34.69
CA VAL C 94 -5.12 16.40 -34.15
C VAL C 94 -4.82 15.67 -32.85
N TYR C 95 -5.64 15.91 -31.82
CA TYR C 95 -5.40 15.38 -30.49
C TYR C 95 -6.43 14.31 -30.15
N TYR C 96 -5.97 13.21 -29.58
CA TYR C 96 -6.84 12.10 -29.18
C TYR C 96 -6.93 12.03 -27.67
N CYS C 97 -7.94 11.28 -27.21
CA CYS C 97 -8.09 10.90 -25.82
C CYS C 97 -8.04 9.38 -25.75
N ALA C 98 -7.17 8.85 -24.89
CA ALA C 98 -6.96 7.42 -24.81
C ALA C 98 -6.99 6.96 -23.35
N ARG C 99 -7.46 5.74 -23.15
CA ARG C 99 -7.59 5.14 -21.83
C ARG C 99 -6.85 3.82 -21.80
N GLN C 100 -5.96 3.65 -20.83
CA GLN C 100 -5.22 2.40 -20.72
C GLN C 100 -6.15 1.26 -20.38
N GLY C 101 -5.87 0.10 -20.97
CA GLY C 101 -6.58 -1.11 -20.62
C GLY C 101 -5.92 -1.81 -19.45
N TYR C 102 -6.75 -2.45 -18.63
CA TYR C 102 -6.26 -3.09 -17.42
C TYR C 102 -6.19 -4.60 -17.52
N TYR C 103 -7.18 -5.26 -18.13
CA TYR C 103 -7.17 -6.71 -18.29
C TYR C 103 -8.05 -7.15 -19.45
N TYR C 104 -7.46 -7.91 -20.37
CA TYR C 104 -8.21 -8.74 -21.30
C TYR C 104 -7.92 -10.22 -21.07
N ASN C 105 -6.66 -10.63 -21.17
CA ASN C 105 -6.22 -11.92 -20.68
C ASN C 105 -4.94 -11.79 -19.87
N SER C 106 -4.38 -10.59 -19.78
CA SER C 106 -3.15 -10.30 -19.07
C SER C 106 -3.24 -8.87 -18.57
N TYR C 107 -2.09 -8.27 -18.27
CA TYR C 107 -2.04 -6.93 -17.71
C TYR C 107 -1.45 -5.99 -18.75
N MET C 108 -2.07 -5.90 -19.93
CA MET C 108 -1.57 -4.98 -20.94
C MET C 108 -1.14 -3.67 -20.30
N GLN C 109 0.11 -3.32 -20.50
CA GLN C 109 0.71 -2.18 -19.81
C GLN C 109 0.85 -1.05 -20.82
N GLY C 110 0.01 -0.03 -20.67
CA GLY C 110 -0.03 1.04 -21.62
C GLY C 110 -0.39 0.54 -23.01
N ALA C 111 -1.62 0.07 -23.19
CA ALA C 111 -2.07 -0.35 -24.51
C ALA C 111 -3.03 0.63 -25.15
N LEU C 112 -3.60 1.56 -24.39
CA LEU C 112 -4.53 2.56 -24.89
C LEU C 112 -5.66 1.88 -25.67
N ASP C 113 -6.48 1.14 -24.91
CA ASP C 113 -7.53 0.33 -25.53
C ASP C 113 -8.47 1.16 -26.38
N TYR C 114 -9.01 2.24 -25.82
CA TYR C 114 -10.08 2.98 -26.45
C TYR C 114 -9.63 4.38 -26.81
N TRP C 115 -9.87 4.77 -28.06
CA TRP C 115 -9.49 6.07 -28.57
C TRP C 115 -10.74 6.86 -28.93
N GLY C 116 -10.65 8.18 -28.74
CA GLY C 116 -11.73 9.06 -29.12
C GLY C 116 -11.71 9.35 -30.61
N GLN C 117 -12.66 10.19 -31.02
CA GLN C 117 -12.80 10.55 -32.43
C GLN C 117 -11.73 11.54 -32.90
N GLY C 118 -11.00 12.17 -31.99
CA GLY C 118 -9.97 13.12 -32.38
C GLY C 118 -10.52 14.52 -32.63
N THR C 119 -9.87 15.53 -32.07
CA THR C 119 -10.27 16.92 -32.25
C THR C 119 -9.14 17.65 -32.98
N LEU C 120 -9.50 18.42 -34.01
CA LEU C 120 -8.53 19.18 -34.76
C LEU C 120 -8.28 20.52 -34.06
N VAL C 121 -7.02 20.87 -33.90
CA VAL C 121 -6.62 22.11 -33.23
C VAL C 121 -5.69 22.84 -34.20
N THR C 122 -6.26 23.73 -35.00
CA THR C 122 -5.45 24.52 -35.92
C THR C 122 -4.91 25.76 -35.21
N VAL C 123 -3.64 26.06 -35.45
CA VAL C 123 -2.98 27.23 -34.90
C VAL C 123 -2.41 28.03 -36.07
N SER C 124 -3.09 29.13 -36.42
CA SER C 124 -2.69 29.90 -37.59
C SER C 124 -3.32 31.28 -37.50
N SER C 125 -2.48 32.31 -37.39
CA SER C 125 -2.89 33.71 -37.44
C SER C 125 -4.21 34.00 -36.71
#